data_7W0X
#
_entry.id   7W0X
#
_entity_poly.entity_id   1
_entity_poly.type   'polydeoxyribonucleotide'
_entity_poly.pdbx_seq_one_letter_code
;(DG)(DG)(DG)(DT)(DT)(DA)
;
_entity_poly.pdbx_strand_id   A,B,C,D
#
loop_
_chem_comp.id
_chem_comp.type
_chem_comp.name
_chem_comp.formula
DA DNA linking 2'-DEOXYADENOSINE-5'-MONOPHOSPHATE 'C10 H14 N5 O6 P'
DG DNA linking 2'-DEOXYGUANOSINE-5'-MONOPHOSPHATE 'C10 H14 N5 O7 P'
DT DNA linking THYMIDINE-5'-MONOPHOSPHATE 'C10 H15 N2 O8 P'
#